data_6J2L
#
_entry.id   6J2L
#
_cell.length_a   169.050
_cell.length_b   45.230
_cell.length_c   65.259
_cell.angle_alpha   90.00
_cell.angle_beta   112.53
_cell.angle_gamma   90.00
#
_symmetry.space_group_name_H-M   'C 1 2 1'
#
loop_
_entity.id
_entity.type
_entity.pdbx_description
1 polymer 'Histidine biosynthesis bifunctional protein HisIE'
2 non-polymer 'ZINC ION'
3 non-polymer 'MAGNESIUM ION'
4 water water
#
_entity_poly.entity_id   1
_entity_poly.type   'polypeptide(L)'
_entity_poly.pdbx_seq_one_letter_code
;LTEQQRRELDWEKTDGLMPVIVQHAVSGEVLMLGYMNPEALDKTIESGKVTFFSRTKQRLWIKGETSGNFLNVVSIAPDC
DNDTLLVLANPIGPTCHKGTSSCFGNTAHQWLFLYQLEQLLAERKYADPETSYTAKLYASGTKRIAQKVGEEGVETALAA
TVHDRFELTNEASDLMYHLLVLLQDQDLDLTTVIENLHKRHQ
;
_entity_poly.pdbx_strand_id   A,B
#
# COMPACT_ATOMS: atom_id res chain seq x y z
N LEU A 1 12.42 15.54 -8.48
CA LEU A 1 13.31 15.31 -9.62
C LEU A 1 14.41 16.34 -9.74
N THR A 2 15.65 15.90 -9.56
CA THR A 2 16.79 16.80 -9.78
C THR A 2 16.88 17.17 -11.26
N GLU A 3 17.64 18.23 -11.53
CA GLU A 3 17.82 18.62 -12.92
C GLU A 3 18.50 17.50 -13.69
N GLN A 4 19.52 16.87 -13.09
CA GLN A 4 20.22 15.79 -13.80
C GLN A 4 19.31 14.57 -13.99
N GLN A 5 18.47 14.26 -13.01
CA GLN A 5 17.49 13.22 -13.22
C GLN A 5 16.67 13.47 -14.48
N ARG A 6 16.20 14.72 -14.65
CA ARG A 6 15.41 15.09 -15.82
C ARG A 6 16.26 15.06 -17.08
N ARG A 7 17.56 15.30 -16.96
CA ARG A 7 18.48 15.18 -18.08
C ARG A 7 18.62 13.73 -18.53
N GLU A 8 18.51 12.80 -17.60
CA GLU A 8 18.74 11.40 -17.91
C GLU A 8 17.49 10.65 -18.33
N LEU A 9 16.33 11.30 -18.33
CA LEU A 9 15.11 10.62 -18.74
C LEU A 9 15.21 10.23 -20.21
N ASP A 10 14.98 8.94 -20.49
CA ASP A 10 15.17 8.37 -21.82
C ASP A 10 13.93 8.65 -22.66
N TRP A 11 13.88 9.87 -23.20
CA TRP A 11 12.75 10.23 -24.06
C TRP A 11 12.85 9.54 -25.42
N GLU A 12 14.05 9.27 -25.92
CA GLU A 12 14.18 8.60 -27.20
C GLU A 12 13.72 7.14 -27.11
N LYS A 13 14.04 6.44 -26.02
CA LYS A 13 13.55 5.06 -25.87
C LYS A 13 12.02 5.03 -25.73
N THR A 14 11.43 6.08 -25.20
CA THR A 14 9.99 6.13 -25.01
C THR A 14 9.27 6.86 -26.13
N ASP A 15 10.00 7.34 -27.13
CA ASP A 15 9.46 8.10 -28.25
C ASP A 15 8.69 9.34 -27.77
N GLY A 16 9.31 10.07 -26.84
CA GLY A 16 8.74 11.31 -26.31
C GLY A 16 7.51 11.17 -25.44
N LEU A 17 7.03 9.97 -25.18
CA LEU A 17 5.88 9.75 -24.30
C LEU A 17 6.30 8.79 -23.20
N MET A 18 6.39 9.31 -21.99
CA MET A 18 6.92 8.57 -20.85
C MET A 18 5.76 7.98 -20.06
N PRO A 19 5.72 6.67 -19.82
CA PRO A 19 4.70 6.09 -18.94
C PRO A 19 4.89 6.54 -17.50
N VAL A 20 3.77 6.83 -16.83
CA VAL A 20 3.79 7.38 -15.49
C VAL A 20 2.81 6.64 -14.60
N ILE A 21 3.31 5.99 -13.59
CA ILE A 21 2.49 5.28 -12.61
C ILE A 21 2.07 6.27 -11.54
N VAL A 22 0.78 6.39 -11.29
CA VAL A 22 0.28 7.19 -10.18
C VAL A 22 -0.14 6.23 -9.05
N GLN A 23 0.50 6.40 -7.89
CA GLN A 23 0.23 5.61 -6.70
C GLN A 23 -0.22 6.54 -5.57
N HIS A 24 -1.18 6.05 -4.78
CA HIS A 24 -1.65 6.79 -3.62
C HIS A 24 -0.51 6.96 -2.62
N ALA A 25 -0.20 8.19 -2.26
CA ALA A 25 1.02 8.48 -1.49
C ALA A 25 0.94 7.99 -0.05
N VAL A 26 -0.24 7.62 0.44
CA VAL A 26 -0.40 7.11 1.79
C VAL A 26 -0.62 5.61 1.77
N SER A 27 -1.63 5.14 1.04
CA SER A 27 -2.05 3.76 1.15
C SER A 27 -1.32 2.81 0.22
N GLY A 28 -0.62 3.34 -0.80
CA GLY A 28 0.07 2.49 -1.76
C GLY A 28 -0.78 1.94 -2.87
N GLU A 29 -2.10 2.19 -2.86
CA GLU A 29 -2.95 1.77 -3.96
C GLU A 29 -2.45 2.37 -5.28
N VAL A 30 -2.31 1.53 -6.29
CA VAL A 30 -2.03 2.02 -7.65
C VAL A 30 -3.33 2.56 -8.24
N LEU A 31 -3.32 3.84 -8.62
CA LEU A 31 -4.51 4.53 -9.11
C LEU A 31 -4.64 4.48 -10.63
N MET A 32 -3.55 4.68 -11.38
CA MET A 32 -3.67 4.76 -12.83
C MET A 32 -2.29 4.76 -13.46
N LEU A 33 -2.28 4.58 -14.77
CA LEU A 33 -1.11 4.81 -15.59
C LEU A 33 -1.48 5.79 -16.66
N GLY A 34 -0.65 6.81 -16.85
CA GLY A 34 -0.85 7.76 -17.92
C GLY A 34 0.47 8.04 -18.60
N TYR A 35 0.49 8.93 -19.58
CA TYR A 35 1.70 9.23 -20.33
C TYR A 35 1.98 10.72 -20.26
N MET A 36 3.27 11.07 -20.22
CA MET A 36 3.74 12.44 -20.18
C MET A 36 4.79 12.68 -21.27
N ASN A 37 4.74 13.86 -21.85
CA ASN A 37 5.85 14.40 -22.63
C ASN A 37 6.61 15.40 -21.78
N PRO A 38 7.76 15.91 -22.26
CA PRO A 38 8.51 16.86 -21.41
C PRO A 38 7.68 18.00 -20.88
N GLU A 39 6.78 18.56 -21.69
CA GLU A 39 6.01 19.68 -21.19
C GLU A 39 4.99 19.25 -20.15
N ALA A 40 4.45 18.04 -20.29
CA ALA A 40 3.54 17.53 -19.25
C ALA A 40 4.29 17.33 -17.94
N LEU A 41 5.49 16.75 -18.00
CA LEU A 41 6.26 16.55 -16.78
C LEU A 41 6.58 17.90 -16.14
N ASP A 42 6.98 18.88 -16.96
CA ASP A 42 7.28 20.23 -16.45
C ASP A 42 6.06 20.88 -15.78
N LYS A 43 4.91 20.82 -16.44
CA LYS A 43 3.69 21.39 -15.85
C LYS A 43 3.32 20.65 -14.57
N THR A 44 3.57 19.35 -14.53
CA THR A 44 3.36 18.58 -13.31
C THR A 44 4.23 19.12 -12.18
N ILE A 45 5.51 19.38 -12.44
CA ILE A 45 6.38 19.91 -11.38
C ILE A 45 5.92 21.28 -10.95
N GLU A 46 5.66 22.17 -11.91
CA GLU A 46 5.36 23.56 -11.58
C GLU A 46 4.04 23.69 -10.83
N SER A 47 2.99 22.99 -11.29
CA SER A 47 1.66 23.19 -10.72
C SER A 47 1.44 22.39 -9.45
N GLY A 48 2.17 21.28 -9.28
CA GLY A 48 1.84 20.35 -8.20
C GLY A 48 0.65 19.46 -8.47
N LYS A 49 0.14 19.44 -9.70
CA LYS A 49 -1.01 18.65 -10.11
C LYS A 49 -0.58 17.70 -11.22
N VAL A 50 -0.99 16.44 -11.15
CA VAL A 50 -0.56 15.51 -12.19
C VAL A 50 -1.13 15.95 -13.53
N THR A 51 -0.27 16.05 -14.54
CA THR A 51 -0.56 16.62 -15.85
C THR A 51 -0.06 15.65 -16.91
N PHE A 52 -0.95 15.21 -17.79
CA PHE A 52 -0.59 14.25 -18.82
C PHE A 52 -0.59 14.89 -20.21
N PHE A 53 0.08 14.22 -21.13
CA PHE A 53 -0.07 14.53 -22.54
C PHE A 53 -1.08 13.56 -23.15
N SER A 54 -2.22 14.10 -23.59
CA SER A 54 -3.29 13.35 -24.25
C SER A 54 -3.01 13.26 -25.74
N ARG A 55 -2.65 12.07 -26.21
CA ARG A 55 -2.47 11.82 -27.64
C ARG A 55 -3.81 11.91 -28.37
N THR A 56 -4.92 11.62 -27.69
CA THR A 56 -6.25 11.73 -28.27
C THR A 56 -6.54 13.17 -28.69
N LYS A 57 -6.64 14.06 -27.71
CA LYS A 57 -6.89 15.47 -27.98
C LYS A 57 -5.63 16.20 -28.41
N GLN A 58 -4.49 15.49 -28.47
CA GLN A 58 -3.15 16.04 -28.70
C GLN A 58 -2.96 17.36 -27.95
N ARG A 59 -3.13 17.28 -26.62
CA ARG A 59 -2.92 18.44 -25.77
C ARG A 59 -2.58 18.00 -24.35
N LEU A 60 -1.97 18.92 -23.59
CA LEU A 60 -1.86 18.72 -22.16
C LEU A 60 -3.24 18.66 -21.54
N TRP A 61 -3.36 17.87 -20.48
CA TRP A 61 -4.57 17.91 -19.67
C TRP A 61 -4.16 17.64 -18.23
N ILE A 62 -4.58 18.54 -17.34
CA ILE A 62 -4.41 18.31 -15.92
C ILE A 62 -5.51 17.36 -15.48
N LYS A 63 -5.12 16.22 -14.92
CA LYS A 63 -6.08 15.22 -14.50
C LYS A 63 -7.03 15.81 -13.47
N GLY A 64 -8.31 15.88 -13.82
CA GLY A 64 -9.30 16.64 -13.07
C GLY A 64 -9.85 17.85 -13.80
N GLU A 65 -9.26 18.23 -14.95
CA GLU A 65 -9.75 19.34 -15.77
C GLU A 65 -11.25 19.30 -16.02
N THR A 66 -11.82 18.12 -16.24
CA THR A 66 -13.25 18.05 -16.48
C THR A 66 -14.02 17.27 -15.43
N SER A 67 -13.35 16.63 -14.49
CA SER A 67 -14.05 15.89 -13.44
C SER A 67 -14.08 16.61 -12.10
N GLY A 68 -13.05 17.40 -11.78
CA GLY A 68 -12.86 17.89 -10.43
C GLY A 68 -11.97 17.03 -9.55
N ASN A 69 -11.51 15.88 -10.05
CA ASN A 69 -10.70 14.95 -9.26
C ASN A 69 -9.24 15.11 -9.65
N PHE A 70 -8.52 15.90 -8.87
CA PHE A 70 -7.12 16.18 -9.14
C PHE A 70 -6.22 15.24 -8.35
N LEU A 71 -4.97 15.12 -8.79
CA LEU A 71 -3.95 14.34 -8.09
C LEU A 71 -2.84 15.29 -7.65
N ASN A 72 -2.75 15.53 -6.34
CA ASN A 72 -1.73 16.43 -5.80
C ASN A 72 -0.41 15.70 -5.68
N VAL A 73 0.63 16.22 -6.35
CA VAL A 73 1.93 15.56 -6.38
C VAL A 73 2.55 15.57 -5.00
N VAL A 74 3.02 14.40 -4.55
CA VAL A 74 3.86 14.29 -3.37
C VAL A 74 5.29 13.97 -3.75
N SER A 75 5.50 13.03 -4.67
CA SER A 75 6.86 12.66 -5.04
C SER A 75 6.89 12.17 -6.48
N ILE A 76 8.05 12.30 -7.12
CA ILE A 76 8.27 11.77 -8.48
C ILE A 76 9.64 11.09 -8.54
N ALA A 77 9.69 9.88 -9.08
CA ALA A 77 10.96 9.17 -9.19
C ALA A 77 11.03 8.40 -10.50
N PRO A 78 12.19 8.28 -11.11
CA PRO A 78 12.37 7.39 -12.26
C PRO A 78 12.71 5.97 -11.80
N ASP A 79 12.58 5.01 -12.74
CA ASP A 79 13.03 3.65 -12.46
C ASP A 79 14.51 3.47 -12.83
N CYS A 80 15.04 2.24 -12.69
CA CYS A 80 16.48 2.02 -12.79
C CYS A 80 17.05 2.42 -14.16
N ASP A 81 16.29 2.30 -15.25
CA ASP A 81 16.78 2.69 -16.58
C ASP A 81 16.05 3.91 -17.17
N ASN A 82 15.37 4.72 -16.36
CA ASN A 82 14.95 6.07 -16.74
C ASN A 82 13.90 6.14 -17.85
N ASP A 83 12.99 5.17 -17.95
CA ASP A 83 11.97 5.18 -19.00
C ASP A 83 10.57 4.94 -18.45
N THR A 84 10.36 5.26 -17.17
CA THR A 84 9.08 5.10 -16.47
C THR A 84 9.17 5.92 -15.19
N LEU A 85 8.13 6.70 -14.91
CA LEU A 85 8.11 7.47 -13.68
C LEU A 85 7.08 6.93 -12.72
N LEU A 86 7.38 7.06 -11.43
CA LEU A 86 6.45 6.77 -10.34
C LEU A 86 6.15 8.09 -9.65
N VAL A 87 4.88 8.49 -9.69
CA VAL A 87 4.37 9.66 -8.99
C VAL A 87 3.56 9.17 -7.79
N LEU A 88 4.00 9.52 -6.60
CA LEU A 88 3.15 9.38 -5.42
C LEU A 88 2.29 10.65 -5.30
N ALA A 89 0.97 10.47 -5.17
CA ALA A 89 0.04 11.61 -5.19
C ALA A 89 -1.12 11.36 -4.24
N ASN A 90 -1.73 12.47 -3.78
CA ASN A 90 -2.94 12.45 -2.96
C ASN A 90 -4.14 12.79 -3.83
N PRO A 91 -5.07 11.87 -4.03
CA PRO A 91 -6.23 12.20 -4.87
C PRO A 91 -7.21 13.07 -4.08
N ILE A 92 -7.66 14.12 -4.74
CA ILE A 92 -8.75 14.97 -4.22
C ILE A 92 -10.02 14.50 -4.90
N GLY A 93 -10.65 13.46 -4.36
CA GLY A 93 -11.76 12.82 -5.02
C GLY A 93 -11.33 11.58 -5.78
N PRO A 94 -12.30 10.74 -6.15
CA PRO A 94 -11.99 9.45 -6.78
C PRO A 94 -11.35 9.60 -8.16
N THR A 95 -10.41 8.70 -8.47
CA THR A 95 -9.59 8.85 -9.68
C THR A 95 -10.28 8.31 -10.93
N CYS A 96 -10.99 7.18 -10.82
CA CYS A 96 -11.61 6.58 -12.00
C CYS A 96 -13.01 7.16 -12.26
N HIS A 97 -13.39 7.20 -13.54
CA HIS A 97 -14.71 7.66 -13.98
C HIS A 97 -15.82 6.68 -13.66
N LYS A 98 -15.52 5.56 -13.00
CA LYS A 98 -16.52 4.61 -12.54
C LYS A 98 -16.90 4.85 -11.08
N GLY A 99 -16.43 5.95 -10.49
CA GLY A 99 -16.78 6.31 -9.14
C GLY A 99 -15.94 5.67 -8.07
N THR A 100 -14.82 5.02 -8.42
CA THR A 100 -14.04 4.25 -7.47
C THR A 100 -12.59 4.74 -7.45
N SER A 101 -11.87 4.34 -6.40
CA SER A 101 -10.58 4.98 -6.10
C SER A 101 -9.53 4.66 -7.16
N SER A 102 -9.58 3.47 -7.76
CA SER A 102 -8.53 3.02 -8.66
C SER A 102 -9.13 2.69 -10.02
N CYS A 103 -8.35 2.98 -11.07
CA CYS A 103 -8.71 2.50 -12.41
C CYS A 103 -8.53 0.99 -12.55
N PHE A 104 -7.92 0.32 -11.58
CA PHE A 104 -7.69 -1.12 -11.66
C PHE A 104 -8.73 -1.94 -10.90
N GLY A 105 -9.83 -1.31 -10.53
CA GLY A 105 -10.93 -2.07 -9.96
C GLY A 105 -10.58 -2.59 -8.58
N ASN A 106 -10.82 -3.89 -8.38
CA ASN A 106 -10.89 -4.47 -7.05
C ASN A 106 -9.66 -5.30 -6.69
N THR A 107 -8.60 -5.25 -7.49
CA THR A 107 -7.39 -5.97 -7.14
C THR A 107 -6.52 -5.06 -6.28
N ALA A 108 -6.09 -5.56 -5.13
CA ALA A 108 -5.40 -4.72 -4.16
C ALA A 108 -4.41 -5.55 -3.36
N HIS A 109 -3.25 -4.94 -3.06
CA HIS A 109 -2.27 -5.60 -2.21
C HIS A 109 -2.87 -5.87 -0.82
N GLN A 110 -2.33 -6.87 -0.14
CA GLN A 110 -2.94 -7.34 1.12
C GLN A 110 -3.10 -6.21 2.13
N TRP A 111 -2.03 -5.43 2.34
CA TRP A 111 -2.04 -4.42 3.39
C TRP A 111 -3.05 -3.31 3.12
N LEU A 112 -3.47 -3.15 1.87
CA LEU A 112 -4.49 -2.15 1.58
C LEU A 112 -5.74 -2.39 2.42
N PHE A 113 -6.07 -3.65 2.72
CA PHE A 113 -7.29 -3.88 3.48
C PHE A 113 -7.27 -3.12 4.81
N LEU A 114 -6.11 -3.07 5.47
CA LEU A 114 -6.09 -2.38 6.76
C LEU A 114 -6.50 -0.93 6.58
N TYR A 115 -5.94 -0.29 5.55
CA TYR A 115 -6.28 1.09 5.26
C TYR A 115 -7.78 1.22 4.94
N GLN A 116 -8.32 0.28 4.15
CA GLN A 116 -9.75 0.33 3.85
C GLN A 116 -10.58 0.14 5.13
N LEU A 117 -10.17 -0.80 5.99
CA LEU A 117 -10.90 -0.98 7.23
C LEU A 117 -10.97 0.33 7.99
N GLU A 118 -9.82 1.03 8.08
CA GLU A 118 -9.82 2.26 8.88
C GLU A 118 -10.79 3.25 8.30
N GLN A 119 -10.78 3.35 6.96
CA GLN A 119 -11.65 4.26 6.23
C GLN A 119 -13.11 3.98 6.57
N LEU A 120 -13.48 2.71 6.52
CA LEU A 120 -14.83 2.31 6.88
C LEU A 120 -15.14 2.72 8.31
N LEU A 121 -14.22 2.41 9.25
CA LEU A 121 -14.47 2.75 10.64
C LEU A 121 -14.53 4.25 10.87
N ALA A 122 -13.87 5.04 9.99
CA ALA A 122 -13.92 6.50 10.12
C ALA A 122 -15.15 7.10 9.47
N GLU A 123 -15.82 6.36 8.59
CA GLU A 123 -17.07 6.85 8.04
C GLU A 123 -18.20 6.66 9.03
N ARG A 124 -18.18 5.54 9.74
CA ARG A 124 -19.20 5.22 10.73
C ARG A 124 -19.17 6.14 11.94
N LYS A 125 -18.20 7.03 12.05
CA LYS A 125 -18.22 8.03 13.11
C LYS A 125 -19.37 8.99 12.86
N TYR A 126 -20.16 9.25 13.91
CA TYR A 126 -21.27 10.19 13.83
C TYR A 126 -22.30 9.71 12.79
N ALA A 127 -22.66 8.43 12.88
CA ALA A 127 -23.63 7.77 11.99
C ALA A 127 -24.33 6.64 12.75
N ASP A 128 -25.11 7.05 13.77
CA ASP A 128 -26.17 6.40 14.55
C ASP A 128 -26.01 4.93 14.95
N PRO A 129 -26.44 4.60 16.17
CA PRO A 129 -25.81 3.48 16.91
C PRO A 129 -26.19 2.06 16.46
N GLU A 130 -27.24 1.83 15.67
CA GLU A 130 -27.47 0.48 15.16
C GLU A 130 -27.03 0.32 13.71
N THR A 131 -26.44 1.36 13.09
CA THR A 131 -25.85 1.10 11.79
C THR A 131 -24.81 -0.02 11.89
N SER A 132 -24.07 -0.07 12.99
CA SER A 132 -23.02 -1.06 13.17
C SER A 132 -22.58 -1.13 14.63
N TYR A 133 -21.86 -2.21 14.94
CA TYR A 133 -21.06 -2.30 16.16
C TYR A 133 -20.20 -1.06 16.36
N THR A 134 -19.59 -0.57 15.27
CA THR A 134 -18.66 0.55 15.37
C THR A 134 -19.38 1.80 15.84
N ALA A 135 -20.54 2.09 15.27
CA ALA A 135 -21.29 3.28 15.64
C ALA A 135 -21.70 3.23 17.10
N LYS A 136 -22.07 2.04 17.59
CA LYS A 136 -22.47 1.93 18.98
C LYS A 136 -21.28 2.13 19.90
N LEU A 137 -20.12 1.56 19.54
CA LEU A 137 -18.87 1.93 20.20
C LEU A 137 -18.73 3.43 20.29
N TYR A 138 -18.77 4.10 19.14
CA TYR A 138 -18.61 5.55 19.11
C TYR A 138 -19.57 6.21 20.10
N ALA A 139 -20.80 5.72 20.17
CA ALA A 139 -21.79 6.30 21.07
C ALA A 139 -21.46 6.03 22.53
N SER A 140 -20.82 4.89 22.84
CA SER A 140 -20.46 4.56 24.22
C SER A 140 -19.56 5.60 24.87
N GLY A 141 -18.90 6.45 24.10
CA GLY A 141 -17.99 7.41 24.67
C GLY A 141 -16.58 6.88 24.76
N THR A 142 -15.64 7.82 24.88
CA THR A 142 -14.22 7.48 24.81
C THR A 142 -13.83 6.42 25.83
N LYS A 143 -14.39 6.49 27.04
CA LYS A 143 -13.97 5.61 28.13
C LYS A 143 -14.21 4.14 27.80
N ARG A 144 -15.35 3.83 27.21
CA ARG A 144 -15.66 2.43 26.91
C ARG A 144 -14.79 1.90 25.77
N ILE A 145 -14.46 2.75 24.80
CA ILE A 145 -13.60 2.34 23.70
C ILE A 145 -12.21 2.05 24.24
N ALA A 146 -11.67 3.00 25.01
CA ALA A 146 -10.39 2.81 25.67
C ALA A 146 -10.42 1.55 26.52
N GLN A 147 -11.53 1.30 27.21
CA GLN A 147 -11.63 0.08 28.00
C GLN A 147 -11.44 -1.16 27.13
N LYS A 148 -12.00 -1.15 25.91
CA LYS A 148 -11.80 -2.31 25.04
C LYS A 148 -10.37 -2.40 24.53
N VAL A 149 -9.76 -1.28 24.18
CA VAL A 149 -8.32 -1.37 23.85
C VAL A 149 -7.57 -2.01 25.02
N GLY A 150 -7.80 -1.54 26.23
CA GLY A 150 -7.10 -2.11 27.38
C GLY A 150 -7.33 -3.60 27.55
N GLU A 151 -8.61 -4.01 27.47
CA GLU A 151 -8.94 -5.42 27.61
C GLU A 151 -8.26 -6.25 26.56
N GLU A 152 -8.39 -5.84 25.30
CA GLU A 152 -7.81 -6.58 24.18
C GLU A 152 -6.29 -6.65 24.26
N GLY A 153 -5.64 -5.58 24.74
CA GLY A 153 -4.21 -5.68 24.97
C GLY A 153 -3.91 -6.77 25.96
N VAL A 154 -4.72 -6.87 27.02
CA VAL A 154 -4.51 -7.93 28.01
C VAL A 154 -4.71 -9.30 27.37
N GLU A 155 -5.77 -9.46 26.57
CA GLU A 155 -6.01 -10.77 25.96
C GLU A 155 -4.87 -11.13 25.00
N THR A 156 -4.37 -10.15 24.26
CA THR A 156 -3.25 -10.39 23.35
C THR A 156 -2.02 -10.85 24.13
N ALA A 157 -1.69 -10.12 25.21
CA ALA A 157 -0.54 -10.50 26.01
C ALA A 157 -0.67 -11.92 26.54
N LEU A 158 -1.87 -12.29 27.01
CA LEU A 158 -2.04 -13.59 27.62
C LEU A 158 -2.00 -14.72 26.59
N ALA A 159 -2.62 -14.50 25.42
CA ALA A 159 -2.59 -15.53 24.38
C ALA A 159 -1.18 -15.75 23.86
N ALA A 160 -0.39 -14.68 23.73
CA ALA A 160 1.02 -14.87 23.39
C ALA A 160 1.73 -15.68 24.47
N THR A 161 1.56 -15.27 25.73
CA THR A 161 2.30 -15.92 26.80
C THR A 161 1.98 -17.41 26.89
N VAL A 162 0.74 -17.78 26.55
CA VAL A 162 0.32 -19.18 26.52
C VAL A 162 0.75 -19.89 25.23
N HIS A 163 1.30 -19.15 24.26
CA HIS A 163 1.76 -19.69 22.98
C HIS A 163 0.62 -20.28 22.16
N ASP A 164 -0.61 -19.82 22.40
CA ASP A 164 -1.75 -20.20 21.55
C ASP A 164 -1.74 -19.24 20.36
N ARG A 165 -1.09 -19.67 19.27
CA ARG A 165 -0.89 -18.79 18.12
C ARG A 165 -2.21 -18.37 17.47
N PHE A 166 -3.20 -19.27 17.44
CA PHE A 166 -4.48 -18.94 16.80
C PHE A 166 -5.25 -17.90 17.63
N GLU A 167 -5.23 -18.05 18.96
CA GLU A 167 -5.84 -17.04 19.81
C GLU A 167 -5.09 -15.72 19.71
N LEU A 168 -3.75 -15.77 19.63
CA LEU A 168 -2.98 -14.54 19.50
C LEU A 168 -3.35 -13.80 18.21
N THR A 169 -3.54 -14.55 17.12
CA THR A 169 -3.97 -13.93 15.86
C THR A 169 -5.31 -13.22 16.04
N ASN A 170 -6.28 -13.87 16.67
CA ASN A 170 -7.60 -13.24 16.77
C ASN A 170 -7.63 -12.07 17.77
N GLU A 171 -6.93 -12.20 18.90
CA GLU A 171 -6.95 -11.09 19.85
C GLU A 171 -6.14 -9.92 19.32
N ALA A 172 -5.04 -10.19 18.61
CA ALA A 172 -4.33 -9.11 17.93
C ALA A 172 -5.25 -8.43 16.92
N SER A 173 -6.10 -9.19 16.23
CA SER A 173 -7.08 -8.56 15.34
C SER A 173 -8.03 -7.66 16.12
N ASP A 174 -8.55 -8.15 17.25
CA ASP A 174 -9.45 -7.35 18.05
C ASP A 174 -8.78 -6.06 18.50
N LEU A 175 -7.55 -6.20 18.99
CA LEU A 175 -6.77 -5.04 19.42
C LEU A 175 -6.69 -4.01 18.31
N MET A 176 -6.26 -4.42 17.12
CA MET A 176 -6.14 -3.49 16.00
C MET A 176 -7.47 -2.79 15.70
N TYR A 177 -8.55 -3.56 15.57
CA TYR A 177 -9.85 -2.94 15.28
C TYR A 177 -10.18 -1.86 16.31
N HIS A 178 -10.09 -2.20 17.59
CA HIS A 178 -10.49 -1.23 18.60
C HIS A 178 -9.52 -0.07 18.68
N LEU A 179 -8.22 -0.30 18.46
CA LEU A 179 -7.27 0.80 18.41
C LEU A 179 -7.60 1.76 17.28
N LEU A 180 -7.94 1.24 16.09
CA LEU A 180 -8.36 2.12 15.01
C LEU A 180 -9.53 3.00 15.46
N VAL A 181 -10.57 2.36 16.02
CA VAL A 181 -11.71 3.14 16.49
C VAL A 181 -11.28 4.20 17.51
N LEU A 182 -10.42 3.83 18.46
CA LEU A 182 -10.05 4.76 19.51
C LEU A 182 -9.30 5.94 18.93
N LEU A 183 -8.43 5.70 17.95
CA LEU A 183 -7.74 6.79 17.30
C LEU A 183 -8.72 7.72 16.58
N GLN A 184 -9.66 7.14 15.82
CA GLN A 184 -10.66 7.97 15.15
C GLN A 184 -11.44 8.81 16.16
N ASP A 185 -11.80 8.20 17.30
CA ASP A 185 -12.57 8.90 18.32
C ASP A 185 -11.85 10.15 18.82
N GLN A 186 -10.52 10.11 18.83
CA GLN A 186 -9.70 11.21 19.28
C GLN A 186 -9.14 12.03 18.14
N ASP A 187 -9.79 11.99 16.97
CA ASP A 187 -9.37 12.77 15.79
C ASP A 187 -7.93 12.45 15.40
N LEU A 188 -7.58 11.16 15.42
CA LEU A 188 -6.28 10.71 14.93
C LEU A 188 -6.47 9.56 13.98
N ASP A 189 -5.37 8.92 13.56
CA ASP A 189 -5.49 7.83 12.61
C ASP A 189 -4.19 7.04 12.61
N LEU A 190 -4.25 5.86 12.01
CA LEU A 190 -3.07 5.03 11.97
C LEU A 190 -1.94 5.69 11.18
N THR A 191 -2.27 6.50 10.17
CA THR A 191 -1.23 7.20 9.40
C THR A 191 -0.38 8.06 10.32
N THR A 192 -1.04 8.85 11.18
CA THR A 192 -0.32 9.62 12.20
C THR A 192 0.60 8.74 13.06
N VAL A 193 0.12 7.56 13.46
CA VAL A 193 0.94 6.66 14.27
C VAL A 193 2.14 6.13 13.50
N ILE A 194 1.93 5.74 12.23
CA ILE A 194 3.03 5.23 11.40
C ILE A 194 4.07 6.32 11.18
N GLU A 195 3.63 7.56 10.92
CA GLU A 195 4.55 8.69 10.81
C GLU A 195 5.38 8.86 12.07
N ASN A 196 4.70 8.90 13.23
CA ASN A 196 5.42 9.03 14.49
C ASN A 196 6.44 7.90 14.65
N LEU A 197 6.06 6.68 14.26
CA LEU A 197 7.01 5.58 14.28
C LEU A 197 8.19 5.84 13.35
N HIS A 198 7.90 6.37 12.16
CA HIS A 198 8.95 6.61 11.17
C HIS A 198 9.98 7.59 11.69
N LYS A 199 9.52 8.72 12.27
CA LYS A 199 10.46 9.66 12.87
C LYS A 199 11.37 9.01 13.91
N ARG A 200 10.94 7.93 14.54
CA ARG A 200 11.83 7.21 15.45
C ARG A 200 12.24 5.84 14.89
N THR B 2 -11.50 -13.50 -16.58
CA THR B 2 -10.19 -13.64 -17.20
C THR B 2 -10.32 -13.96 -18.69
N GLU B 3 -11.11 -14.98 -19.00
CA GLU B 3 -11.40 -15.33 -20.39
C GLU B 3 -11.83 -14.09 -21.16
N GLN B 4 -12.95 -13.53 -20.73
CA GLN B 4 -13.44 -12.28 -21.31
C GLN B 4 -12.42 -11.16 -21.14
N GLN B 5 -11.78 -11.08 -19.96
CA GLN B 5 -10.84 -10.00 -19.70
C GLN B 5 -9.72 -9.98 -20.74
N ARG B 6 -9.16 -11.14 -21.06
CA ARG B 6 -8.13 -11.17 -22.11
C ARG B 6 -8.73 -10.98 -23.50
N ARG B 7 -9.96 -11.46 -23.73
CA ARG B 7 -10.65 -11.16 -24.99
C ARG B 7 -10.72 -9.67 -25.22
N GLU B 8 -10.85 -8.90 -24.15
CA GLU B 8 -11.17 -7.49 -24.14
C GLU B 8 -9.94 -6.60 -23.94
N LEU B 9 -8.77 -7.16 -23.71
CA LEU B 9 -7.57 -6.34 -23.67
C LEU B 9 -7.42 -5.61 -24.99
N ASP B 10 -6.99 -4.35 -24.94
CA ASP B 10 -6.93 -3.54 -26.15
C ASP B 10 -5.52 -3.63 -26.73
N TRP B 11 -5.24 -4.80 -27.32
CA TRP B 11 -3.93 -5.04 -27.93
C TRP B 11 -3.63 -4.07 -29.06
N GLU B 12 -4.65 -3.64 -29.82
CA GLU B 12 -4.40 -2.78 -30.97
C GLU B 12 -4.03 -1.36 -30.56
N LYS B 13 -4.62 -0.88 -29.47
CA LYS B 13 -4.29 0.47 -29.00
C LYS B 13 -2.84 0.57 -28.56
N THR B 14 -2.30 -0.50 -27.98
CA THR B 14 -0.95 -0.48 -27.44
C THR B 14 0.07 -1.06 -28.41
N ASP B 15 -0.29 -1.16 -29.69
CA ASP B 15 0.61 -1.63 -30.75
C ASP B 15 1.18 -3.01 -30.42
N GLY B 16 0.33 -3.87 -29.84
CA GLY B 16 0.73 -5.22 -29.46
C GLY B 16 1.52 -5.33 -28.18
N LEU B 17 1.85 -4.22 -27.52
CA LEU B 17 2.71 -4.24 -26.32
C LEU B 17 2.01 -3.55 -25.16
N MET B 18 1.60 -4.33 -24.16
CA MET B 18 0.80 -3.82 -23.05
C MET B 18 1.72 -3.40 -21.91
N PRO B 19 1.62 -2.16 -21.40
CA PRO B 19 2.35 -1.81 -20.18
C PRO B 19 1.82 -2.58 -18.98
N VAL B 20 2.76 -2.96 -18.10
CA VAL B 20 2.48 -3.90 -17.00
C VAL B 20 3.16 -3.39 -15.75
N ILE B 21 2.36 -2.99 -14.77
CA ILE B 21 2.85 -2.56 -13.47
C ILE B 21 3.00 -3.79 -12.59
N VAL B 22 4.16 -3.97 -11.97
CA VAL B 22 4.35 -5.04 -11.02
C VAL B 22 4.39 -4.42 -9.64
N GLN B 23 3.49 -4.86 -8.78
CA GLN B 23 3.38 -4.35 -7.43
C GLN B 23 3.42 -5.52 -6.45
N HIS B 24 4.16 -5.33 -5.35
CA HIS B 24 4.24 -6.33 -4.29
C HIS B 24 2.86 -6.69 -3.76
N ALA B 25 2.54 -7.97 -3.84
CA ALA B 25 1.23 -8.48 -3.45
C ALA B 25 0.87 -8.23 -1.97
N VAL B 26 1.83 -8.03 -1.09
CA VAL B 26 1.56 -7.86 0.32
C VAL B 26 1.74 -6.40 0.74
N SER B 27 2.87 -5.80 0.39
CA SER B 27 3.17 -4.49 0.96
C SER B 27 2.66 -3.34 0.12
N GLY B 28 2.44 -3.54 -1.18
CA GLY B 28 2.03 -2.46 -2.05
C GLY B 28 3.14 -1.68 -2.72
N GLU B 29 4.40 -1.96 -2.41
CA GLU B 29 5.49 -1.30 -3.10
C GLU B 29 5.41 -1.55 -4.61
N VAL B 30 5.52 -0.49 -5.42
CA VAL B 30 5.67 -0.69 -6.86
C VAL B 30 7.11 -1.14 -7.16
N LEU B 31 7.23 -2.28 -7.82
CA LEU B 31 8.53 -2.88 -8.05
C LEU B 31 9.13 -2.50 -9.38
N MET B 32 8.35 -2.51 -10.45
CA MET B 32 8.89 -2.26 -11.78
C MET B 32 7.75 -2.05 -12.75
N LEU B 33 8.09 -1.50 -13.91
CA LEU B 33 7.21 -1.50 -15.07
C LEU B 33 7.85 -2.31 -16.20
N GLY B 34 7.12 -3.30 -16.73
CA GLY B 34 7.53 -3.98 -17.94
C GLY B 34 6.42 -3.98 -18.99
N TYR B 35 6.69 -4.69 -20.09
CA TYR B 35 5.79 -4.80 -21.24
C TYR B 35 5.56 -6.27 -21.61
N MET B 36 4.33 -6.57 -22.05
CA MET B 36 3.93 -7.93 -22.39
C MET B 36 3.21 -7.95 -23.73
N ASN B 37 3.62 -8.85 -24.61
CA ASN B 37 2.80 -9.20 -25.77
C ASN B 37 1.85 -10.33 -25.38
N PRO B 38 0.91 -10.71 -26.24
CA PRO B 38 -0.07 -11.73 -25.81
C PRO B 38 0.56 -13.04 -25.37
N GLU B 39 1.67 -13.45 -25.99
CA GLU B 39 2.32 -14.67 -25.55
C GLU B 39 3.01 -14.49 -24.20
N ALA B 40 3.54 -13.29 -23.93
CA ALA B 40 4.14 -13.07 -22.62
C ALA B 40 3.09 -13.16 -21.52
N LEU B 41 1.89 -12.65 -21.77
CA LEU B 41 0.84 -12.74 -20.77
C LEU B 41 0.36 -14.18 -20.63
N ASP B 42 0.26 -14.90 -21.75
CA ASP B 42 -0.06 -16.32 -21.70
C ASP B 42 0.96 -17.08 -20.86
N LYS B 43 2.25 -16.94 -21.18
CA LYS B 43 3.30 -17.60 -20.42
C LYS B 43 3.26 -17.20 -18.95
N THR B 44 2.93 -15.95 -18.67
CA THR B 44 2.85 -15.51 -17.28
C THR B 44 1.71 -16.21 -16.57
N ILE B 45 0.57 -16.33 -17.22
CA ILE B 45 -0.60 -16.94 -16.60
C ILE B 45 -0.35 -18.43 -16.37
N GLU B 46 0.18 -19.12 -17.39
CA GLU B 46 0.37 -20.57 -17.28
C GLU B 46 1.51 -20.93 -16.33
N SER B 47 2.61 -20.19 -16.38
CA SER B 47 3.76 -20.52 -15.52
C SER B 47 3.60 -19.98 -14.10
N GLY B 48 2.88 -18.88 -13.91
CA GLY B 48 2.79 -18.25 -12.60
C GLY B 48 3.98 -17.38 -12.26
N LYS B 49 4.89 -17.19 -13.19
CA LYS B 49 6.06 -16.32 -13.10
C LYS B 49 5.87 -15.17 -14.09
N VAL B 50 6.21 -13.95 -13.67
CA VAL B 50 6.07 -12.79 -14.56
C VAL B 50 6.99 -12.96 -15.76
N THR B 51 6.41 -12.87 -16.96
CA THR B 51 7.12 -13.02 -18.22
C THR B 51 6.85 -11.78 -19.09
N PHE B 52 7.91 -11.10 -19.50
CA PHE B 52 7.80 -9.93 -20.37
C PHE B 52 8.20 -10.28 -21.80
N PHE B 53 7.98 -9.32 -22.69
CA PHE B 53 8.57 -9.28 -24.02
C PHE B 53 9.50 -8.09 -24.07
N SER B 54 10.77 -8.32 -24.41
CA SER B 54 11.75 -7.24 -24.41
C SER B 54 11.38 -6.18 -25.44
N ARG B 55 11.37 -4.93 -24.98
CA ARG B 55 10.95 -3.82 -25.84
C ARG B 55 12.03 -3.38 -26.80
N THR B 56 13.31 -3.68 -26.52
CA THR B 56 14.37 -3.31 -27.44
C THR B 56 14.31 -4.15 -28.71
N LYS B 57 14.35 -5.48 -28.57
CA LYS B 57 14.18 -6.43 -29.67
C LYS B 57 14.23 -7.87 -29.16
N GLN B 58 14.71 -8.02 -27.92
CA GLN B 58 15.28 -9.28 -27.44
C GLN B 58 14.23 -10.22 -26.83
N ARG B 59 13.29 -10.66 -27.69
CA ARG B 59 12.51 -11.88 -27.43
C ARG B 59 11.66 -11.86 -26.14
N LEU B 60 10.97 -12.96 -25.86
CA LEU B 60 10.39 -13.23 -24.55
C LEU B 60 11.47 -13.30 -23.48
N TRP B 61 11.05 -13.15 -22.22
CA TRP B 61 12.02 -13.12 -21.12
C TRP B 61 11.31 -13.25 -19.78
N ILE B 62 11.52 -14.39 -19.10
CA ILE B 62 10.95 -14.59 -17.78
C ILE B 62 11.78 -13.78 -16.78
N LYS B 63 11.12 -12.87 -16.05
CA LYS B 63 11.81 -12.05 -15.07
C LYS B 63 12.53 -12.93 -14.07
N GLY B 64 13.86 -12.85 -14.08
CA GLY B 64 14.70 -13.65 -13.21
C GLY B 64 15.53 -14.69 -13.93
N GLU B 65 15.36 -14.87 -15.24
CA GLU B 65 16.11 -15.91 -15.95
C GLU B 65 17.59 -15.55 -16.10
N THR B 66 17.98 -14.35 -15.67
CA THR B 66 19.37 -13.90 -15.61
C THR B 66 19.92 -13.91 -14.20
N SER B 67 19.05 -13.68 -13.21
CA SER B 67 19.45 -13.35 -11.86
C SER B 67 19.00 -14.33 -10.80
N GLY B 68 18.01 -15.18 -11.08
CA GLY B 68 17.37 -15.97 -10.05
C GLY B 68 16.28 -15.24 -9.27
N ASN B 69 16.03 -13.96 -9.56
CA ASN B 69 15.03 -13.19 -8.84
C ASN B 69 13.73 -13.21 -9.64
N PHE B 70 12.86 -14.17 -9.34
CA PHE B 70 11.61 -14.31 -10.06
C PHE B 70 10.48 -13.60 -9.32
N LEU B 71 9.36 -13.40 -10.03
CA LEU B 71 8.15 -12.81 -9.45
C LEU B 71 7.00 -13.80 -9.60
N ASN B 72 6.45 -14.25 -8.48
CA ASN B 72 5.37 -15.24 -8.46
C ASN B 72 4.02 -14.52 -8.55
N VAL B 73 3.24 -14.82 -9.60
CA VAL B 73 2.00 -14.08 -9.81
C VAL B 73 1.00 -14.42 -8.72
N VAL B 74 0.41 -13.37 -8.13
CA VAL B 74 -0.77 -13.53 -7.31
C VAL B 74 -2.02 -13.06 -8.03
N SER B 75 -1.93 -11.95 -8.77
CA SER B 75 -3.16 -11.40 -9.33
C SER B 75 -2.82 -10.56 -10.54
N ILE B 76 -3.79 -10.49 -11.48
CA ILE B 76 -3.64 -9.68 -12.68
C ILE B 76 -4.98 -8.99 -12.96
N ALA B 77 -4.92 -7.68 -13.22
CA ALA B 77 -6.13 -6.91 -13.50
C ALA B 77 -5.90 -5.88 -14.60
N PRO B 78 -6.86 -5.66 -15.48
CA PRO B 78 -6.73 -4.53 -16.41
C PRO B 78 -7.19 -3.26 -15.74
N ASP B 79 -6.71 -2.12 -16.26
CA ASP B 79 -7.33 -0.85 -15.88
C ASP B 79 -8.62 -0.69 -16.70
N CYS B 80 -9.27 0.48 -16.56
CA CYS B 80 -10.67 0.61 -16.96
C CYS B 80 -10.85 0.68 -18.48
N ASP B 81 -9.87 1.20 -19.22
CA ASP B 81 -9.93 1.11 -20.68
C ASP B 81 -8.99 0.03 -21.24
N ASN B 82 -8.63 -0.97 -20.44
CA ASN B 82 -8.03 -2.22 -20.92
C ASN B 82 -6.72 -2.03 -21.72
N ASP B 83 -5.90 -1.05 -21.32
CA ASP B 83 -4.62 -0.82 -22.00
C ASP B 83 -3.44 -0.78 -21.03
N THR B 84 -3.62 -1.24 -19.81
CA THR B 84 -2.54 -1.43 -18.87
C THR B 84 -2.96 -2.57 -17.95
N LEU B 85 -1.97 -3.35 -17.50
CA LEU B 85 -2.22 -4.39 -16.51
C LEU B 85 -1.54 -4.04 -15.20
N LEU B 86 -2.18 -4.40 -14.11
CA LEU B 86 -1.57 -4.40 -12.80
C LEU B 86 -1.39 -5.85 -12.38
N VAL B 87 -0.15 -6.25 -12.13
CA VAL B 87 0.18 -7.57 -11.64
C VAL B 87 0.64 -7.42 -10.18
N LEU B 88 -0.06 -8.11 -9.28
CA LEU B 88 0.40 -8.30 -7.92
C LEU B 88 1.20 -9.58 -7.88
N ALA B 89 2.43 -9.49 -7.38
CA ALA B 89 3.29 -10.67 -7.34
C ALA B 89 4.15 -10.67 -6.07
N ASN B 90 4.67 -11.86 -5.75
CA ASN B 90 5.60 -12.07 -4.64
C ASN B 90 6.98 -12.31 -5.20
N PRO B 91 7.95 -11.46 -4.87
CA PRO B 91 9.31 -11.67 -5.38
C PRO B 91 10.05 -12.74 -4.60
N ILE B 92 10.85 -13.53 -5.32
CA ILE B 92 11.78 -14.47 -4.70
C ILE B 92 13.20 -14.07 -5.15
N GLY B 93 13.73 -13.06 -4.46
CA GLY B 93 14.98 -12.43 -4.78
C GLY B 93 14.79 -10.92 -4.95
N PRO B 94 15.67 -10.11 -4.31
CA PRO B 94 15.61 -8.63 -4.27
C PRO B 94 15.43 -8.00 -5.65
N SER B 101 15.15 -3.30 -3.92
CA SER B 101 13.99 -4.18 -3.98
C SER B 101 12.98 -3.65 -5.00
N SER B 102 12.94 -2.34 -5.18
CA SER B 102 12.14 -1.69 -6.21
C SER B 102 13.05 -1.01 -7.22
N CYS B 103 12.65 -1.09 -8.50
CA CYS B 103 13.42 -0.37 -9.51
C CYS B 103 13.28 1.15 -9.39
N PHE B 104 12.45 1.66 -8.46
CA PHE B 104 12.17 3.09 -8.36
C PHE B 104 12.88 3.77 -7.19
N GLY B 105 13.91 3.14 -6.61
CA GLY B 105 14.72 3.83 -5.62
C GLY B 105 14.06 3.88 -4.26
N ASN B 106 14.30 5.00 -3.55
CA ASN B 106 13.90 5.17 -2.16
C ASN B 106 12.43 5.53 -1.98
N THR B 107 11.70 5.79 -3.05
CA THR B 107 10.37 6.35 -2.90
C THR B 107 9.40 5.28 -2.43
N ALA B 108 8.50 5.66 -1.51
CA ALA B 108 7.60 4.72 -0.88
C ALA B 108 6.37 5.46 -0.36
N HIS B 109 5.20 4.86 -0.54
CA HIS B 109 4.01 5.39 0.11
C HIS B 109 4.17 5.25 1.64
N GLN B 110 3.42 6.07 2.37
CA GLN B 110 3.67 6.23 3.80
C GLN B 110 3.52 4.92 4.57
N TRP B 111 2.46 4.15 4.29
CA TRP B 111 2.23 2.93 5.06
C TRP B 111 3.28 1.88 4.83
N LEU B 112 3.98 1.92 3.68
CA LEU B 112 5.09 1.00 3.49
C LEU B 112 6.03 1.01 4.69
N PHE B 113 6.19 2.16 5.35
CA PHE B 113 7.15 2.16 6.47
C PHE B 113 6.79 1.12 7.52
N LEU B 114 5.49 0.95 7.81
CA LEU B 114 5.09 -0.06 8.79
C LEU B 114 5.61 -1.42 8.37
N TYR B 115 5.41 -1.79 7.10
CA TYR B 115 5.88 -3.09 6.62
C TYR B 115 7.38 -3.21 6.82
N GLN B 116 8.11 -2.15 6.48
CA GLN B 116 9.56 -2.21 6.59
C GLN B 116 9.98 -2.33 8.05
N LEU B 117 9.28 -1.61 8.94
CA LEU B 117 9.63 -1.70 10.35
C LEU B 117 9.54 -3.14 10.79
N GLU B 118 8.45 -3.81 10.40
CA GLU B 118 8.29 -5.21 10.77
C GLU B 118 9.50 -6.02 10.30
N GLN B 119 9.89 -5.83 9.03
CA GLN B 119 11.05 -6.54 8.49
C GLN B 119 12.26 -6.29 9.36
N LEU B 120 12.56 -5.02 9.64
CA LEU B 120 13.75 -4.71 10.42
C LEU B 120 13.65 -5.33 11.81
N LEU B 121 12.45 -5.33 12.39
CA LEU B 121 12.30 -5.93 13.72
C LEU B 121 12.63 -7.41 13.67
N ALA B 122 12.19 -8.11 12.62
CA ALA B 122 12.60 -9.49 12.47
C ALA B 122 14.13 -9.60 12.41
N GLU B 123 14.77 -8.72 11.62
CA GLU B 123 16.23 -8.77 11.49
C GLU B 123 16.93 -8.44 12.80
N ARG B 124 16.23 -7.86 13.78
CA ARG B 124 16.87 -7.55 15.05
C ARG B 124 16.52 -8.57 16.13
N LYS B 125 16.10 -9.77 15.72
CA LYS B 125 16.19 -10.91 16.63
C LYS B 125 17.66 -11.23 16.95
N TYR B 126 18.57 -10.84 16.05
CA TYR B 126 19.98 -11.22 16.12
C TYR B 126 20.91 -10.04 16.44
N ALA B 127 20.48 -9.12 17.32
CA ALA B 127 21.27 -7.94 17.65
C ALA B 127 21.93 -8.12 19.02
N ASP B 128 22.57 -7.04 19.51
CA ASP B 128 23.21 -7.04 20.82
C ASP B 128 22.22 -6.95 21.99
N LEU B 137 14.61 -6.97 24.27
CA LEU B 137 13.23 -7.41 24.30
C LEU B 137 13.12 -8.89 23.95
N TYR B 138 13.53 -9.22 22.73
CA TYR B 138 13.46 -10.59 22.24
C TYR B 138 14.10 -11.58 23.21
N ALA B 139 15.30 -11.25 23.69
CA ALA B 139 16.05 -12.16 24.56
C ALA B 139 15.41 -12.32 25.93
N SER B 140 14.46 -11.45 26.29
CA SER B 140 13.88 -11.44 27.63
C SER B 140 12.64 -12.33 27.76
N GLY B 141 12.23 -13.03 26.71
CA GLY B 141 11.14 -13.97 26.74
C GLY B 141 9.85 -13.41 26.16
N THR B 142 8.92 -14.32 25.86
CA THR B 142 7.58 -13.94 25.46
C THR B 142 6.91 -13.09 26.53
N LYS B 143 7.10 -13.45 27.80
CA LYS B 143 6.38 -12.82 28.89
C LYS B 143 6.69 -11.32 29.00
N ARG B 144 7.95 -10.96 28.83
CA ARG B 144 8.33 -9.56 28.94
C ARG B 144 7.75 -8.72 27.80
N ILE B 145 7.75 -9.27 26.58
CA ILE B 145 7.11 -8.55 25.47
C ILE B 145 5.61 -8.41 25.71
N ALA B 146 4.96 -9.51 26.10
CA ALA B 146 3.52 -9.44 26.39
C ALA B 146 3.23 -8.43 27.49
N GLN B 147 4.15 -8.30 28.45
CA GLN B 147 4.01 -7.28 29.49
C GLN B 147 4.02 -5.88 28.89
N LYS B 148 4.92 -5.63 27.92
CA LYS B 148 4.94 -4.31 27.29
C LYS B 148 3.66 -4.06 26.50
N VAL B 149 3.15 -5.08 25.80
CA VAL B 149 1.89 -4.91 25.09
C VAL B 149 0.77 -4.55 26.07
N GLY B 150 0.64 -5.29 27.17
CA GLY B 150 -0.45 -5.03 28.10
C GLY B 150 -0.37 -3.66 28.72
N GLU B 151 0.85 -3.25 29.13
CA GLU B 151 1.04 -1.95 29.77
C GLU B 151 0.77 -0.81 28.81
N GLU B 152 1.20 -0.94 27.56
CA GLU B 152 0.93 0.15 26.63
C GLU B 152 -0.51 0.15 26.12
N GLY B 153 -1.21 -0.98 26.19
CA GLY B 153 -2.65 -0.92 26.05
C GLY B 153 -3.27 -0.08 27.15
N VAL B 154 -2.85 -0.31 28.40
CA VAL B 154 -3.31 0.52 29.50
C VAL B 154 -3.02 2.01 29.23
N GLU B 155 -1.78 2.33 28.82
CA GLU B 155 -1.40 3.74 28.65
C GLU B 155 -2.15 4.39 27.48
N THR B 156 -2.36 3.63 26.40
CA THR B 156 -3.17 4.09 25.29
C THR B 156 -4.59 4.40 25.74
N ALA B 157 -5.18 3.49 26.53
CA ALA B 157 -6.53 3.72 27.03
C ALA B 157 -6.61 4.97 27.91
N LEU B 158 -5.62 5.14 28.80
CA LEU B 158 -5.65 6.29 29.71
C LEU B 158 -5.44 7.61 28.95
N ALA B 159 -4.48 7.65 28.04
CA ALA B 159 -4.21 8.88 27.27
C ALA B 159 -5.41 9.28 26.42
N ALA B 160 -6.02 8.32 25.73
CA ALA B 160 -7.25 8.64 25.02
C ALA B 160 -8.27 9.20 25.99
N THR B 161 -8.43 8.55 27.14
CA THR B 161 -9.49 8.91 28.07
C THR B 161 -9.36 10.34 28.59
N VAL B 162 -8.13 10.86 28.74
CA VAL B 162 -7.99 12.24 29.18
C VAL B 162 -7.84 13.21 28.02
N HIS B 163 -7.92 12.74 26.77
CA HIS B 163 -7.90 13.56 25.56
C HIS B 163 -6.56 14.28 25.37
N ASP B 164 -5.46 13.59 25.63
CA ASP B 164 -4.13 14.10 25.32
C ASP B 164 -3.68 13.39 24.02
N ARG B 165 -3.90 14.05 22.87
CA ARG B 165 -3.70 13.43 21.58
C ARG B 165 -2.23 13.20 21.26
N PHE B 166 -1.34 14.06 21.77
CA PHE B 166 0.10 13.86 21.59
C PHE B 166 0.60 12.60 22.30
N GLU B 167 0.36 12.53 23.60
CA GLU B 167 0.67 11.30 24.33
C GLU B 167 -0.01 10.09 23.69
N LEU B 168 -1.27 10.23 23.28
CA LEU B 168 -1.96 9.08 22.70
C LEU B 168 -1.27 8.65 21.39
N THR B 169 -0.77 9.61 20.61
CA THR B 169 -0.01 9.27 19.42
C THR B 169 1.25 8.48 19.78
N ASN B 170 2.00 8.96 20.78
CA ASN B 170 3.22 8.27 21.18
C ASN B 170 2.93 6.89 21.80
N GLU B 171 1.81 6.76 22.51
CA GLU B 171 1.50 5.50 23.16
C GLU B 171 0.94 4.46 22.19
N ALA B 172 0.10 4.89 21.26
CA ALA B 172 -0.31 4.03 20.15
C ALA B 172 0.90 3.57 19.34
N SER B 173 1.88 4.44 19.17
CA SER B 173 3.10 4.08 18.45
C SER B 173 3.92 3.01 19.19
N ASP B 174 4.17 3.22 20.50
CA ASP B 174 4.77 2.19 21.33
C ASP B 174 4.00 0.86 21.24
N LEU B 175 2.68 0.94 21.28
CA LEU B 175 1.83 -0.25 21.29
C LEU B 175 1.95 -1.01 19.98
N MET B 176 1.91 -0.32 18.84
CA MET B 176 2.14 -0.96 17.55
C MET B 176 3.53 -1.61 17.49
N TYR B 177 4.55 -0.85 17.86
CA TYR B 177 5.90 -1.39 17.76
C TYR B 177 6.03 -2.68 18.57
N HIS B 178 5.57 -2.65 19.82
CA HIS B 178 5.73 -3.83 20.64
C HIS B 178 4.81 -4.96 20.19
N LEU B 179 3.65 -4.61 19.60
CA LEU B 179 2.78 -5.67 19.07
C LEU B 179 3.47 -6.41 17.92
N LEU B 180 4.17 -5.66 17.07
CA LEU B 180 4.93 -6.31 16.01
C LEU B 180 6.00 -7.21 16.61
N VAL B 181 6.73 -6.70 17.63
CA VAL B 181 7.74 -7.54 18.28
C VAL B 181 7.12 -8.83 18.80
N LEU B 182 5.96 -8.74 19.46
CA LEU B 182 5.32 -9.93 20.04
C LEU B 182 4.90 -10.91 18.96
N LEU B 183 4.23 -10.42 17.91
CA LEU B 183 3.83 -11.31 16.82
C LEU B 183 5.03 -12.04 16.23
N GLN B 184 6.11 -11.31 15.95
CA GLN B 184 7.31 -11.95 15.44
C GLN B 184 7.85 -12.99 16.43
N ASP B 185 7.75 -12.69 17.73
CA ASP B 185 8.24 -13.62 18.74
C ASP B 185 7.47 -14.92 18.74
N GLN B 186 6.20 -14.89 18.34
CA GLN B 186 5.37 -16.08 18.24
C GLN B 186 5.19 -16.54 16.81
N ASP B 187 6.16 -16.28 15.95
CA ASP B 187 6.17 -16.74 14.55
C ASP B 187 4.88 -16.37 13.85
N LEU B 188 4.45 -15.13 14.05
CA LEU B 188 3.36 -14.52 13.31
C LEU B 188 3.82 -13.14 12.85
N ASP B 189 2.95 -12.43 12.14
CA ASP B 189 3.28 -11.09 11.67
C ASP B 189 1.99 -10.31 11.47
N LEU B 190 2.12 -9.02 11.17
CA LEU B 190 0.94 -8.19 11.00
C LEU B 190 0.16 -8.55 9.74
N THR B 191 0.80 -9.13 8.74
CA THR B 191 0.07 -9.57 7.55
C THR B 191 -0.95 -10.65 7.90
N THR B 192 -0.57 -11.58 8.77
CA THR B 192 -1.53 -12.59 9.24
C THR B 192 -2.68 -11.95 10.00
N VAL B 193 -2.42 -10.93 10.81
CA VAL B 193 -3.53 -10.25 11.47
C VAL B 193 -4.40 -9.52 10.46
N ILE B 194 -3.79 -8.82 9.51
CA ILE B 194 -4.57 -8.09 8.50
C ILE B 194 -5.45 -9.06 7.71
N GLU B 195 -4.90 -10.22 7.35
CA GLU B 195 -5.70 -11.22 6.62
C GLU B 195 -6.83 -11.74 7.50
N ASN B 196 -6.56 -11.94 8.80
CA ASN B 196 -7.62 -12.37 9.70
C ASN B 196 -8.75 -11.34 9.79
N LEU B 197 -8.41 -10.05 9.92
CA LEU B 197 -9.44 -9.02 9.90
C LEU B 197 -10.20 -9.07 8.58
N HIS B 198 -9.47 -9.28 7.48
CA HIS B 198 -10.09 -9.37 6.16
C HIS B 198 -11.19 -10.42 6.14
N LYS B 199 -10.90 -11.65 6.61
CA LYS B 199 -11.91 -12.70 6.48
C LYS B 199 -13.16 -12.43 7.32
N ARG B 200 -13.05 -11.66 8.41
CA ARG B 200 -14.27 -11.23 9.11
C ARG B 200 -15.08 -10.21 8.29
#